data_9M1C
#
_entry.id   9M1C
#
_cell.length_a   155.210
_cell.length_b   42.510
_cell.length_c   42.330
_cell.angle_alpha   90.000
_cell.angle_beta   95.364
_cell.angle_gamma   90.000
#
_symmetry.space_group_name_H-M   'C 1 2 1'
#
loop_
_entity.id
_entity.type
_entity.pdbx_description
1 polymer 'Vitamin D3 receptor'
2 polymer 'Mediator of RNA polymerase II transcription subunit 1'
3 non-polymer '(4~{S})-5-[4-[[4-(2-ethyl-2-oxidanyl-butoxy)-3-methyl-phenyl]-methyl-phenyl-silyl]-2-methyl-phenoxy]-4-oxidanyl-pentanoic acid'
4 water water
#
loop_
_entity_poly.entity_id
_entity_poly.type
_entity_poly.pdbx_seq_one_letter_code
_entity_poly.pdbx_strand_id
1 'polypeptide(L)'
;GSHMGSPNSPLKDSLRPKLSEEQQHIIAILLDAHHKTYDPTYADFRDFRPPVRMDGSTGSVTLDLSPLSMLPHLADLVSY
SIQKVIGFAKMIPGFRDLTSDDQIVLLKSSAIEVIMLRSNQSFTMDDMSWDCGSQDYKYDVTDVSKAGHTLELIEPLIKF
QVGLKKLNLHEEEHVLLMAICIVSPDRPGVQDAKLVEAIQDRLSNTLQTYIRCRHPPPGSHQLYAKMIQKLADLRSLNEE
HSKQYRSLSFQPENSMKLTPLVLEVFGNEIS
;
A
2 'polypeptide(L)' KNHPMLMNLLKDN C
#
loop_
_chem_comp.id
_chem_comp.type
_chem_comp.name
_chem_comp.formula
A1L8A non-polymer '(4~{S})-5-[4-[[4-(2-ethyl-2-oxidanyl-butoxy)-3-methyl-phenyl]-methyl-phenyl-silyl]-2-methyl-phenoxy]-4-oxidanyl-pentanoic acid' 'C32 H42 O6 Si'
#
# COMPACT_ATOMS: atom_id res chain seq x y z
N LYS A 18 -2.06 -28.75 -5.87
CA LYS A 18 -3.47 -28.40 -5.81
C LYS A 18 -3.73 -27.01 -6.41
N LEU A 19 -2.70 -26.34 -6.92
CA LEU A 19 -2.89 -25.01 -7.54
C LEU A 19 -3.61 -25.18 -8.87
N SER A 20 -4.88 -24.83 -8.93
CA SER A 20 -5.65 -24.99 -10.16
C SER A 20 -5.08 -24.08 -11.27
N GLU A 21 -5.49 -24.35 -12.51
CA GLU A 21 -5.04 -23.50 -13.61
C GLU A 21 -5.54 -22.08 -13.44
N GLU A 22 -6.75 -21.93 -12.88
CA GLU A 22 -7.27 -20.59 -12.60
C GLU A 22 -6.40 -19.89 -11.57
N GLN A 23 -5.90 -20.64 -10.58
CA GLN A 23 -5.08 -20.05 -9.54
C GLN A 23 -3.71 -19.68 -10.09
N GLN A 24 -3.13 -20.52 -10.93
CA GLN A 24 -1.88 -20.15 -11.61
C GLN A 24 -2.08 -18.92 -12.47
N HIS A 25 -3.23 -18.80 -13.12
CA HIS A 25 -3.51 -17.63 -13.95
C HIS A 25 -3.53 -16.36 -13.11
N ILE A 26 -4.22 -16.41 -11.97
CA ILE A 26 -4.32 -15.27 -11.05
C ILE A 26 -2.95 -14.79 -10.63
N ILE A 27 -2.10 -15.74 -10.19
CA ILE A 27 -0.76 -15.37 -9.74
C ILE A 27 0.04 -14.72 -10.86
N ALA A 28 -0.05 -15.29 -12.07
CA ALA A 28 0.65 -14.70 -13.20
C ALA A 28 0.18 -13.27 -13.46
N ILE A 29 -1.14 -13.04 -13.45
CA ILE A 29 -1.67 -11.70 -13.70
C ILE A 29 -1.16 -10.73 -12.64
N LEU A 30 -1.20 -11.15 -11.37
CA LEU A 30 -0.81 -10.24 -10.30
C LEU A 30 0.69 -9.94 -10.32
N LEU A 31 1.51 -10.95 -10.61
CA LEU A 31 2.94 -10.73 -10.78
C LEU A 31 3.20 -9.71 -11.88
N ASP A 32 2.56 -9.91 -13.03
CA ASP A 32 2.73 -8.97 -14.14
C ASP A 32 2.24 -7.57 -13.78
N ALA A 33 1.08 -7.48 -13.12
CA ALA A 33 0.54 -6.21 -12.66
C ALA A 33 1.54 -5.47 -11.77
N HIS A 34 2.15 -6.19 -10.80
CA HIS A 34 3.15 -5.54 -9.95
C HIS A 34 4.36 -5.06 -10.78
N HIS A 35 4.84 -5.91 -11.69
CA HIS A 35 6.00 -5.54 -12.49
C HIS A 35 5.71 -4.33 -13.36
N LYS A 36 4.46 -4.15 -13.74
CA LYS A 36 4.10 -3.02 -14.58
C LYS A 36 3.83 -1.75 -13.78
N THR A 37 3.72 -1.84 -12.43
CA THR A 37 3.40 -0.69 -11.59
C THR A 37 4.44 -0.39 -10.52
N TYR A 38 5.52 -1.17 -10.42
CA TYR A 38 6.58 -0.93 -9.45
C TYR A 38 7.90 -0.91 -10.21
N ASP A 39 8.60 0.21 -10.15
CA ASP A 39 9.87 0.39 -10.85
C ASP A 39 11.02 0.39 -9.86
N PRO A 40 11.75 -0.72 -9.71
CA PRO A 40 12.79 -0.79 -8.68
C PRO A 40 14.08 -0.05 -9.04
N THR A 41 14.11 0.66 -10.16
CA THR A 41 15.16 1.64 -10.39
C THR A 41 14.87 2.99 -9.76
N TYR A 42 13.61 3.26 -9.38
CA TYR A 42 13.20 4.52 -8.76
C TYR A 42 13.60 5.74 -9.58
N ALA A 43 13.67 5.59 -10.92
CA ALA A 43 14.12 6.69 -11.78
C ALA A 43 13.21 7.91 -11.72
N ASP A 44 11.91 7.71 -11.47
CA ASP A 44 10.96 8.81 -11.50
C ASP A 44 11.11 9.77 -10.33
N PHE A 45 11.83 9.37 -9.28
CA PHE A 45 11.96 10.20 -8.08
C PHE A 45 12.58 11.56 -8.40
N ARG A 46 13.29 11.69 -9.50
CA ARG A 46 13.86 12.99 -9.79
C ARG A 46 12.81 14.00 -10.27
N ASP A 47 11.60 13.53 -10.57
CA ASP A 47 10.54 14.45 -10.95
C ASP A 47 9.85 15.09 -9.75
N PHE A 48 10.07 14.55 -8.54
CA PHE A 48 9.42 15.06 -7.35
C PHE A 48 10.08 16.36 -6.90
N ARG A 49 9.32 17.18 -6.19
CA ARG A 49 9.95 18.27 -5.47
C ARG A 49 11.07 17.74 -4.58
N PRO A 50 12.18 18.48 -4.44
CA PRO A 50 13.40 17.86 -3.89
C PRO A 50 13.32 17.66 -2.39
N PRO A 51 13.94 16.60 -1.86
CA PRO A 51 14.03 16.46 -0.40
C PRO A 51 14.79 17.60 0.23
N VAL A 52 14.30 18.07 1.37
CA VAL A 52 15.03 19.03 2.19
C VAL A 52 15.13 18.46 3.60
N ARG A 53 16.35 18.27 4.09
CA ARG A 53 16.53 17.59 5.38
C ARG A 53 17.03 18.50 6.50
N MET A 54 17.63 19.64 6.19
CA MET A 54 17.97 20.61 7.23
C MET A 54 18.05 22.02 6.67
N SER A 66 11.90 22.90 13.28
CA SER A 66 10.46 23.16 13.27
C SER A 66 9.76 22.87 11.93
N PRO A 67 10.27 23.40 10.81
CA PRO A 67 9.51 23.31 9.55
C PRO A 67 9.37 21.86 9.08
N LEU A 68 8.30 21.61 8.34
CA LEU A 68 8.02 20.29 7.76
C LEU A 68 8.71 20.20 6.39
N SER A 69 10.05 20.18 6.45
CA SER A 69 10.86 20.41 5.26
C SER A 69 10.73 19.28 4.24
N MET A 70 10.36 18.08 4.69
CA MET A 70 10.17 16.94 3.79
C MET A 70 8.75 16.79 3.27
N LEU A 71 7.83 17.66 3.69
CA LEU A 71 6.45 17.49 3.23
C LEU A 71 6.29 17.64 1.70
N PRO A 72 6.92 18.59 1.02
CA PRO A 72 6.79 18.62 -0.46
C PRO A 72 7.25 17.35 -1.14
N HIS A 73 8.44 16.85 -0.79
CA HIS A 73 8.98 15.66 -1.43
C HIS A 73 8.13 14.44 -1.11
N LEU A 74 7.79 14.24 0.16
CA LEU A 74 7.01 13.05 0.52
C LEU A 74 5.57 13.14 0.01
N ALA A 75 5.01 14.34 -0.13
CA ALA A 75 3.69 14.44 -0.77
C ALA A 75 3.77 13.97 -2.22
N ASP A 76 4.83 14.37 -2.93
CA ASP A 76 4.96 13.92 -4.32
C ASP A 76 5.20 12.41 -4.38
N LEU A 77 6.05 11.89 -3.48
CA LEU A 77 6.28 10.45 -3.41
C LEU A 77 4.98 9.68 -3.18
N VAL A 78 4.20 10.12 -2.19
CA VAL A 78 2.92 9.48 -1.89
C VAL A 78 1.94 9.59 -3.07
N SER A 79 1.84 10.78 -3.68
CA SER A 79 0.93 10.97 -4.82
C SER A 79 1.28 10.03 -5.98
N TYR A 80 2.58 9.91 -6.25
CA TYR A 80 3.08 8.99 -7.26
C TYR A 80 2.67 7.57 -6.94
N SER A 81 2.79 7.20 -5.67
CA SER A 81 2.53 5.84 -5.23
C SER A 81 1.06 5.52 -5.38
N ILE A 82 0.20 6.50 -5.06
CA ILE A 82 -1.24 6.32 -5.21
C ILE A 82 -1.57 5.97 -6.66
N GLN A 83 -0.96 6.69 -7.61
CA GLN A 83 -1.19 6.34 -9.02
C GLN A 83 -0.79 4.90 -9.30
N LYS A 84 0.34 4.46 -8.76
CA LYS A 84 0.78 3.09 -8.99
C LYS A 84 -0.19 2.09 -8.38
N VAL A 85 -0.69 2.38 -7.18
CA VAL A 85 -1.65 1.48 -6.52
C VAL A 85 -2.94 1.37 -7.35
N ILE A 86 -3.42 2.48 -7.90
CA ILE A 86 -4.61 2.41 -8.74
C ILE A 86 -4.33 1.57 -9.99
N GLY A 87 -3.13 1.70 -10.58
CA GLY A 87 -2.79 0.93 -11.74
C GLY A 87 -2.74 -0.57 -11.44
N PHE A 88 -2.21 -0.92 -10.26
CA PHE A 88 -2.20 -2.31 -9.85
C PHE A 88 -3.61 -2.83 -9.63
N ALA A 89 -4.42 -2.07 -8.89
CA ALA A 89 -5.77 -2.51 -8.54
C ALA A 89 -6.61 -2.83 -9.78
N LYS A 90 -6.53 -1.97 -10.81
CA LYS A 90 -7.29 -2.20 -12.04
C LYS A 90 -7.00 -3.55 -12.68
N MET A 91 -5.84 -4.13 -12.42
CA MET A 91 -5.47 -5.40 -13.02
C MET A 91 -5.83 -6.61 -12.15
N ILE A 92 -6.31 -6.38 -10.93
CA ILE A 92 -6.71 -7.53 -10.08
C ILE A 92 -7.86 -8.28 -10.74
N PRO A 93 -7.79 -9.62 -10.90
CA PRO A 93 -8.92 -10.34 -11.48
C PRO A 93 -10.21 -10.07 -10.71
N GLY A 94 -11.21 -9.55 -11.42
CA GLY A 94 -12.54 -9.28 -10.89
C GLY A 94 -12.78 -7.84 -10.46
N PHE A 95 -11.71 -7.09 -10.16
CA PHE A 95 -11.88 -5.72 -9.66
C PHE A 95 -12.75 -4.86 -10.57
N ARG A 96 -12.54 -4.96 -11.87
CA ARG A 96 -13.31 -4.12 -12.80
C ARG A 96 -14.71 -4.63 -13.06
N ASP A 97 -15.09 -5.77 -12.48
CA ASP A 97 -16.49 -6.17 -12.48
C ASP A 97 -17.29 -5.42 -11.42
N LEU A 98 -16.63 -4.73 -10.49
CA LEU A 98 -17.29 -3.90 -9.50
C LEU A 98 -17.76 -2.60 -10.13
N THR A 99 -18.74 -1.96 -9.49
CA THR A 99 -19.15 -0.64 -9.94
C THR A 99 -18.06 0.38 -9.66
N SER A 100 -18.10 1.47 -10.45
CA SER A 100 -17.17 2.57 -10.25
C SER A 100 -17.18 3.06 -8.81
N ASP A 101 -18.37 3.21 -8.23
CA ASP A 101 -18.47 3.69 -6.85
C ASP A 101 -17.78 2.76 -5.88
N ASP A 102 -17.96 1.45 -6.07
CA ASP A 102 -17.29 0.48 -5.20
C ASP A 102 -15.79 0.44 -5.46
N GLN A 103 -15.37 0.60 -6.72
CA GLN A 103 -13.93 0.68 -6.98
C GLN A 103 -13.33 1.86 -6.21
N ILE A 104 -14.05 2.98 -6.19
CA ILE A 104 -13.56 4.18 -5.52
C ILE A 104 -13.51 3.98 -4.01
N VAL A 105 -14.53 3.34 -3.44
CA VAL A 105 -14.54 3.13 -1.99
C VAL A 105 -13.38 2.24 -1.57
N LEU A 106 -13.10 1.19 -2.35
CA LEU A 106 -12.02 0.28 -2.01
C LEU A 106 -10.65 0.95 -2.11
N LEU A 107 -10.43 1.77 -3.15
CA LEU A 107 -9.13 2.41 -3.29
C LEU A 107 -8.93 3.49 -2.25
N LYS A 108 -9.99 4.26 -1.94
CA LYS A 108 -9.83 5.34 -0.96
C LYS A 108 -9.50 4.79 0.41
N SER A 109 -10.09 3.65 0.76
CA SER A 109 -9.82 3.10 2.08
C SER A 109 -8.51 2.32 2.13
N SER A 110 -8.04 1.78 1.01
CA SER A 110 -6.88 0.89 1.04
C SER A 110 -5.59 1.52 0.57
N ALA A 111 -5.62 2.66 -0.13
CA ALA A 111 -4.37 3.18 -0.71
C ALA A 111 -3.28 3.35 0.34
N ILE A 112 -3.63 3.95 1.48
CA ILE A 112 -2.63 4.14 2.54
C ILE A 112 -2.02 2.79 2.96
N GLU A 113 -2.85 1.76 3.07
CA GLU A 113 -2.34 0.45 3.50
C GLU A 113 -1.47 -0.19 2.43
N VAL A 114 -1.88 -0.10 1.15
CA VAL A 114 -1.05 -0.70 0.11
C VAL A 114 0.25 0.06 -0.04
N ILE A 115 0.25 1.37 0.23
CA ILE A 115 1.52 2.09 0.21
C ILE A 115 2.47 1.53 1.27
N MET A 116 1.95 1.31 2.48
CA MET A 116 2.80 0.72 3.52
C MET A 116 3.30 -0.66 3.11
N LEU A 117 2.43 -1.48 2.50
CA LEU A 117 2.84 -2.82 2.09
C LEU A 117 3.88 -2.76 0.99
N ARG A 118 3.59 -2.01 -0.09
CA ARG A 118 4.51 -2.05 -1.22
C ARG A 118 5.83 -1.42 -0.86
N SER A 119 5.83 -0.45 0.07
CA SER A 119 7.09 0.17 0.46
C SER A 119 7.99 -0.81 1.19
N ASN A 120 7.45 -1.93 1.67
CA ASN A 120 8.29 -2.92 2.32
C ASN A 120 9.37 -3.47 1.40
N GLN A 121 9.16 -3.38 0.06
CA GLN A 121 10.16 -3.85 -0.89
C GLN A 121 11.45 -3.05 -0.80
N SER A 122 11.37 -1.74 -0.55
CA SER A 122 12.57 -0.95 -0.34
C SER A 122 13.03 -0.86 1.11
N PHE A 123 12.22 -1.32 2.05
CA PHE A 123 12.60 -1.25 3.45
C PHE A 123 13.74 -2.22 3.73
N THR A 124 14.71 -1.79 4.53
CA THR A 124 15.78 -2.70 4.95
C THR A 124 15.94 -2.71 6.46
N MET A 125 16.11 -3.91 7.03
CA MET A 125 16.37 -4.03 8.45
C MET A 125 17.80 -3.69 8.82
N ASP A 126 18.68 -3.52 7.82
CA ASP A 126 20.06 -3.12 8.11
C ASP A 126 20.08 -1.89 9.00
N ASP A 127 19.34 -0.84 8.60
CA ASP A 127 19.27 0.36 9.40
C ASP A 127 17.85 0.91 9.51
N MET A 128 16.83 0.05 9.38
CA MET A 128 15.44 0.46 9.53
C MET A 128 15.10 1.68 8.66
N SER A 129 15.49 1.61 7.39
CA SER A 129 15.24 2.71 6.47
C SER A 129 14.65 2.17 5.17
N TRP A 130 14.13 3.06 4.35
CA TRP A 130 13.63 2.69 3.04
C TRP A 130 14.66 3.18 2.03
N ASP A 131 15.32 2.27 1.36
CA ASP A 131 16.45 2.60 0.49
C ASP A 131 15.96 2.53 -0.94
N CYS A 132 15.74 3.70 -1.56
CA CYS A 132 15.27 3.75 -2.94
C CYS A 132 16.41 4.10 -3.90
N GLY A 133 17.55 3.42 -3.72
CA GLY A 133 18.64 3.43 -4.68
C GLY A 133 19.57 4.62 -4.64
N SER A 134 19.47 5.46 -3.62
CA SER A 134 20.18 6.74 -3.64
C SER A 134 20.13 7.37 -2.26
N GLN A 135 21.21 8.04 -1.89
CA GLN A 135 21.24 8.71 -0.58
C GLN A 135 20.20 9.83 -0.51
N ASP A 136 19.96 10.52 -1.63
CA ASP A 136 18.85 11.46 -1.70
C ASP A 136 17.54 10.77 -1.35
N TYR A 137 17.34 9.58 -1.88
CA TYR A 137 16.09 8.86 -1.77
C TYR A 137 16.22 7.64 -0.86
N LYS A 138 16.92 7.80 0.25
CA LYS A 138 16.92 6.79 1.30
C LYS A 138 16.32 7.48 2.52
N TYR A 139 15.27 6.89 3.08
CA TYR A 139 14.46 7.59 4.07
C TYR A 139 14.41 6.85 5.40
N ASP A 140 14.37 7.59 6.50
CA ASP A 140 14.27 6.99 7.82
C ASP A 140 13.22 7.73 8.63
N VAL A 141 13.15 7.41 9.92
CA VAL A 141 12.09 7.95 10.77
C VAL A 141 12.16 9.47 10.85
N THR A 142 13.35 10.04 10.70
N THR A 142 13.35 10.05 10.69
CA THR A 142 13.48 11.49 10.74
CA THR A 142 13.45 11.50 10.75
C THR A 142 12.80 12.15 9.55
C THR A 142 12.83 12.17 9.53
N ASP A 143 12.83 11.51 8.37
CA ASP A 143 12.21 12.11 7.19
C ASP A 143 10.70 12.21 7.34
N VAL A 144 10.05 11.12 7.78
CA VAL A 144 8.60 11.18 7.88
C VAL A 144 8.20 12.07 9.06
N SER A 145 9.07 12.19 10.06
CA SER A 145 8.85 13.17 11.11
C SER A 145 8.85 14.58 10.53
N LYS A 146 9.69 14.82 9.54
CA LYS A 146 9.75 16.13 8.90
C LYS A 146 8.70 16.29 7.83
N ALA A 147 7.75 15.37 7.75
CA ALA A 147 6.50 15.63 7.05
C ALA A 147 5.34 15.85 8.01
N GLY A 148 5.59 15.87 9.33
CA GLY A 148 4.56 16.18 10.31
C GLY A 148 4.10 15.01 11.15
N HIS A 149 4.53 13.79 10.86
CA HIS A 149 4.01 12.65 11.62
C HIS A 149 4.81 12.42 12.90
N THR A 150 4.18 11.70 13.82
CA THR A 150 4.71 11.50 15.17
C THR A 150 4.94 10.02 15.42
N LEU A 151 5.61 9.74 16.56
CA LEU A 151 5.93 8.37 16.92
C LEU A 151 4.68 7.54 17.14
N GLU A 152 3.54 8.15 17.44
CA GLU A 152 2.28 7.40 17.56
C GLU A 152 2.02 6.59 16.29
N LEU A 153 2.40 7.15 15.13
CA LEU A 153 2.32 6.43 13.87
C LEU A 153 3.61 5.70 13.53
N ILE A 154 4.75 6.38 13.71
CA ILE A 154 6.02 5.86 13.22
C ILE A 154 6.47 4.60 13.98
N GLU A 155 6.28 4.56 15.31
CA GLU A 155 6.73 3.37 16.03
C GLU A 155 6.00 2.12 15.55
N PRO A 156 4.66 2.07 15.51
CA PRO A 156 4.02 0.87 14.95
C PRO A 156 4.31 0.67 13.47
N LEU A 157 4.56 1.73 12.71
CA LEU A 157 4.87 1.54 11.30
C LEU A 157 6.17 0.75 11.14
N ILE A 158 7.19 1.11 11.90
CA ILE A 158 8.47 0.40 11.85
C ILE A 158 8.30 -1.04 12.34
N LYS A 159 7.54 -1.24 13.40
CA LYS A 159 7.31 -2.62 13.89
C LYS A 159 6.66 -3.43 12.78
N PHE A 160 5.67 -2.84 12.11
CA PHE A 160 5.02 -3.52 10.98
C PHE A 160 6.03 -3.85 9.88
N GLN A 161 6.86 -2.88 9.48
CA GLN A 161 7.80 -3.14 8.39
C GLN A 161 8.75 -4.27 8.76
N VAL A 162 9.20 -4.30 10.01
CA VAL A 162 10.11 -5.36 10.44
C VAL A 162 9.40 -6.71 10.43
N GLY A 163 8.18 -6.75 10.95
CA GLY A 163 7.47 -8.02 11.04
C GLY A 163 7.14 -8.55 9.67
N LEU A 164 6.78 -7.65 8.74
CA LEU A 164 6.51 -8.08 7.37
C LEU A 164 7.77 -8.55 6.68
N LYS A 165 8.87 -7.82 6.82
CA LYS A 165 10.13 -8.20 6.17
C LYS A 165 10.58 -9.59 6.65
N LYS A 166 10.38 -9.89 7.95
CA LYS A 166 10.77 -11.16 8.55
C LYS A 166 9.97 -12.35 8.01
N LEU A 167 8.79 -12.11 7.42
CA LEU A 167 8.03 -13.20 6.79
C LEU A 167 8.72 -13.72 5.53
N ASN A 168 9.64 -12.94 4.97
N ASN A 168 9.61 -12.94 4.94
CA ASN A 168 10.37 -13.29 3.75
CA ASN A 168 10.35 -13.35 3.75
C ASN A 168 9.42 -13.82 2.67
C ASN A 168 9.41 -13.83 2.65
N LEU A 169 8.34 -13.07 2.44
CA LEU A 169 7.34 -13.46 1.45
C LEU A 169 7.95 -13.69 0.07
N HIS A 170 7.51 -14.75 -0.59
CA HIS A 170 7.65 -14.85 -2.03
C HIS A 170 6.96 -13.68 -2.70
N GLU A 171 7.49 -13.28 -3.86
CA GLU A 171 6.83 -12.21 -4.62
C GLU A 171 5.36 -12.53 -4.87
N GLU A 172 5.06 -13.81 -5.15
CA GLU A 172 3.68 -14.28 -5.31
C GLU A 172 2.81 -13.95 -4.10
N GLU A 173 3.31 -14.20 -2.89
CA GLU A 173 2.55 -13.90 -1.68
C GLU A 173 2.43 -12.40 -1.45
N HIS A 174 3.49 -11.65 -1.75
CA HIS A 174 3.45 -10.19 -1.63
C HIS A 174 2.34 -9.58 -2.51
N VAL A 175 2.25 -10.00 -3.78
CA VAL A 175 1.25 -9.40 -4.67
C VAL A 175 -0.15 -9.90 -4.33
N LEU A 176 -0.29 -11.15 -3.87
CA LEU A 176 -1.60 -11.60 -3.41
C LEU A 176 -2.05 -10.79 -2.19
N LEU A 177 -1.13 -10.51 -1.27
CA LEU A 177 -1.51 -9.78 -0.06
C LEU A 177 -1.96 -8.36 -0.40
N MET A 178 -1.27 -7.69 -1.33
CA MET A 178 -1.73 -6.36 -1.76
C MET A 178 -3.13 -6.44 -2.35
N ALA A 179 -3.38 -7.47 -3.18
CA ALA A 179 -4.69 -7.57 -3.83
C ALA A 179 -5.79 -7.88 -2.82
N ILE A 180 -5.51 -8.76 -1.85
CA ILE A 180 -6.50 -9.07 -0.81
C ILE A 180 -6.78 -7.83 0.02
N CYS A 181 -5.75 -7.05 0.30
CA CYS A 181 -5.93 -5.78 1.01
C CYS A 181 -6.90 -4.85 0.27
N ILE A 182 -6.71 -4.69 -1.04
CA ILE A 182 -7.56 -3.78 -1.81
C ILE A 182 -9.01 -4.25 -1.87
N VAL A 183 -9.23 -5.56 -2.11
CA VAL A 183 -10.56 -6.08 -2.30
C VAL A 183 -11.10 -6.61 -0.97
N SER A 184 -11.29 -5.70 -0.01
CA SER A 184 -11.84 -6.03 1.31
C SER A 184 -13.32 -5.69 1.43
N PRO A 185 -14.19 -6.66 1.73
CA PRO A 185 -15.63 -6.38 1.74
C PRO A 185 -16.14 -5.65 2.96
N ASP A 186 -15.32 -5.37 3.97
CA ASP A 186 -15.80 -4.65 5.15
C ASP A 186 -15.41 -3.18 5.15
N ARG A 187 -14.88 -2.65 4.05
CA ARG A 187 -14.60 -1.23 4.05
C ARG A 187 -15.91 -0.45 4.18
N PRO A 188 -15.91 0.65 4.92
CA PRO A 188 -17.14 1.45 5.04
C PRO A 188 -17.59 1.99 3.70
N GLY A 189 -18.90 1.88 3.46
CA GLY A 189 -19.50 2.41 2.26
C GLY A 189 -19.58 1.46 1.10
N VAL A 190 -19.08 0.23 1.23
CA VAL A 190 -19.27 -0.74 0.16
C VAL A 190 -20.75 -1.01 -0.02
N GLN A 191 -21.19 -1.07 -1.28
CA GLN A 191 -22.56 -1.44 -1.59
C GLN A 191 -22.67 -2.95 -1.84
N ASP A 192 -21.95 -3.48 -2.83
CA ASP A 192 -22.06 -4.89 -3.19
C ASP A 192 -21.01 -5.72 -2.45
N ALA A 193 -21.13 -5.69 -1.13
CA ALA A 193 -20.18 -6.38 -0.27
C ALA A 193 -20.11 -7.87 -0.59
N LYS A 194 -21.17 -8.46 -1.17
CA LYS A 194 -21.09 -9.88 -1.47
C LYS A 194 -20.28 -10.15 -2.74
N LEU A 195 -20.28 -9.23 -3.71
CA LEU A 195 -19.39 -9.40 -4.85
C LEU A 195 -17.93 -9.16 -4.46
N VAL A 196 -17.67 -8.14 -3.65
CA VAL A 196 -16.33 -7.88 -3.15
C VAL A 196 -15.81 -9.12 -2.41
N GLU A 197 -16.67 -9.73 -1.57
CA GLU A 197 -16.26 -10.90 -0.80
C GLU A 197 -15.95 -12.08 -1.72
N ALA A 198 -16.77 -12.28 -2.77
CA ALA A 198 -16.53 -13.32 -3.76
C ALA A 198 -15.17 -13.17 -4.43
N ILE A 199 -14.83 -11.94 -4.83
CA ILE A 199 -13.53 -11.73 -5.47
C ILE A 199 -12.40 -11.96 -4.47
N GLN A 200 -12.53 -11.43 -3.26
CA GLN A 200 -11.47 -11.61 -2.27
C GLN A 200 -11.27 -13.09 -1.94
N ASP A 201 -12.35 -13.88 -1.91
CA ASP A 201 -12.22 -15.29 -1.56
C ASP A 201 -11.40 -16.05 -2.59
N ARG A 202 -11.63 -15.78 -3.88
CA ARG A 202 -10.80 -16.37 -4.93
C ARG A 202 -9.32 -16.05 -4.72
N LEU A 203 -9.00 -14.80 -4.32
CA LEU A 203 -7.62 -14.46 -4.02
C LEU A 203 -7.13 -15.13 -2.73
N SER A 204 -7.96 -15.15 -1.68
CA SER A 204 -7.56 -15.76 -0.42
C SER A 204 -7.28 -17.26 -0.61
N ASN A 205 -8.18 -17.94 -1.33
CA ASN A 205 -7.96 -19.37 -1.57
C ASN A 205 -6.72 -19.59 -2.43
N THR A 206 -6.48 -18.70 -3.41
CA THR A 206 -5.24 -18.79 -4.16
C THR A 206 -4.02 -18.69 -3.26
N LEU A 207 -4.03 -17.74 -2.32
CA LEU A 207 -2.89 -17.57 -1.43
C LEU A 207 -2.73 -18.77 -0.50
N GLN A 208 -3.83 -19.19 0.13
CA GLN A 208 -3.78 -20.34 1.04
C GLN A 208 -3.26 -21.58 0.32
N THR A 209 -3.70 -21.80 -0.93
CA THR A 209 -3.24 -22.96 -1.68
C THR A 209 -1.80 -22.79 -2.13
N TYR A 210 -1.42 -21.57 -2.56
CA TYR A 210 -0.03 -21.30 -2.89
C TYR A 210 0.90 -21.66 -1.73
N ILE A 211 0.57 -21.23 -0.51
CA ILE A 211 1.47 -21.47 0.61
C ILE A 211 1.66 -22.98 0.81
N ARG A 212 0.57 -23.73 0.71
CA ARG A 212 0.63 -25.17 0.92
C ARG A 212 1.47 -25.89 -0.14
N CYS A 213 1.36 -25.49 -1.41
CA CYS A 213 1.99 -26.20 -2.50
C CYS A 213 3.40 -25.72 -2.83
N ARG A 214 3.72 -24.45 -2.56
N ARG A 214 3.72 -24.46 -2.57
CA ARG A 214 4.95 -23.87 -3.07
CA ARG A 214 4.96 -23.89 -3.08
C ARG A 214 5.83 -23.21 -2.02
C ARG A 214 5.85 -23.26 -2.02
N HIS A 215 5.39 -23.12 -0.77
CA HIS A 215 6.21 -22.49 0.26
C HIS A 215 6.69 -23.56 1.22
N PRO A 216 7.96 -23.96 1.19
CA PRO A 216 8.38 -25.10 2.02
C PRO A 216 8.41 -24.75 3.48
N PRO A 217 8.26 -25.74 4.35
CA PRO A 217 8.48 -25.51 5.76
C PRO A 217 9.96 -25.37 6.05
N PRO A 218 10.32 -24.72 7.16
CA PRO A 218 9.41 -24.16 8.18
C PRO A 218 8.87 -22.79 7.89
N GLY A 219 9.31 -22.18 6.80
CA GLY A 219 8.86 -20.84 6.47
C GLY A 219 7.36 -20.70 6.33
N SER A 220 6.68 -21.77 5.95
CA SER A 220 5.23 -21.73 5.76
C SER A 220 4.43 -21.84 7.05
N HIS A 221 5.07 -22.16 8.19
CA HIS A 221 4.35 -22.39 9.44
C HIS A 221 3.49 -21.18 9.81
N GLN A 222 2.18 -21.39 9.90
N GLN A 222 2.17 -21.40 9.87
CA GLN A 222 1.23 -20.34 10.27
CA GLN A 222 1.17 -20.38 10.18
C GLN A 222 1.33 -19.13 9.34
C GLN A 222 1.35 -19.14 9.34
N LEU A 223 1.86 -19.32 8.12
CA LEU A 223 2.16 -18.15 7.28
C LEU A 223 0.89 -17.38 6.92
N TYR A 224 -0.19 -18.07 6.54
CA TYR A 224 -1.41 -17.35 6.14
C TYR A 224 -1.98 -16.54 7.30
N ALA A 225 -2.01 -17.13 8.50
CA ALA A 225 -2.47 -16.40 9.67
C ALA A 225 -1.59 -15.20 9.96
N LYS A 226 -0.27 -15.33 9.75
CA LYS A 226 0.62 -14.21 9.98
C LYS A 226 0.39 -13.09 8.96
N MET A 227 0.06 -13.46 7.71
CA MET A 227 -0.23 -12.46 6.70
C MET A 227 -1.55 -11.77 6.99
N ILE A 228 -2.55 -12.51 7.48
CA ILE A 228 -3.81 -11.88 7.84
C ILE A 228 -3.64 -10.98 9.06
N GLN A 229 -2.76 -11.34 10.00
CA GLN A 229 -2.45 -10.42 11.09
C GLN A 229 -1.87 -9.11 10.57
N LYS A 230 -1.03 -9.18 9.50
CA LYS A 230 -0.53 -7.93 8.92
C LYS A 230 -1.67 -7.08 8.38
N LEU A 231 -2.73 -7.70 7.85
CA LEU A 231 -3.85 -6.88 7.39
C LEU A 231 -4.55 -6.22 8.58
N ALA A 232 -4.64 -6.92 9.71
CA ALA A 232 -5.18 -6.29 10.91
C ALA A 232 -4.29 -5.15 11.38
N ASP A 233 -2.97 -5.36 11.39
CA ASP A 233 -2.03 -4.29 11.75
C ASP A 233 -2.25 -3.07 10.88
N LEU A 234 -2.48 -3.29 9.59
CA LEU A 234 -2.65 -2.17 8.66
C LEU A 234 -3.88 -1.35 8.97
N ARG A 235 -4.96 -1.98 9.46
CA ARG A 235 -6.16 -1.22 9.81
C ARG A 235 -5.84 -0.21 10.92
N SER A 236 -5.05 -0.64 11.90
CA SER A 236 -4.68 0.26 12.99
C SER A 236 -3.76 1.38 12.49
N LEU A 237 -2.86 1.04 11.56
CA LEU A 237 -1.99 2.03 10.96
C LEU A 237 -2.80 3.00 10.13
N ASN A 238 -3.74 2.47 9.34
CA ASN A 238 -4.66 3.34 8.59
C ASN A 238 -5.32 4.36 9.51
N GLU A 239 -5.88 3.89 10.62
CA GLU A 239 -6.56 4.77 11.57
C GLU A 239 -5.64 5.87 12.09
N GLU A 240 -4.41 5.53 12.48
CA GLU A 240 -3.54 6.55 13.06
C GLU A 240 -3.04 7.50 11.98
N HIS A 241 -2.70 6.97 10.79
CA HIS A 241 -2.30 7.88 9.72
C HIS A 241 -3.42 8.85 9.37
N SER A 242 -4.66 8.35 9.29
CA SER A 242 -5.81 9.20 8.98
C SER A 242 -5.98 10.31 10.02
N LYS A 243 -5.88 9.95 11.30
CA LYS A 243 -5.94 10.93 12.38
C LYS A 243 -4.88 12.01 12.20
N GLN A 244 -3.62 11.61 12.01
CA GLN A 244 -2.58 12.62 11.85
C GLN A 244 -2.74 13.39 10.55
N TYR A 245 -3.15 12.72 9.48
CA TYR A 245 -3.31 13.40 8.20
C TYR A 245 -4.39 14.48 8.28
N ARG A 246 -5.49 14.19 8.97
CA ARG A 246 -6.54 15.19 9.16
C ARG A 246 -6.02 16.39 9.93
N SER A 247 -5.23 16.14 10.98
CA SER A 247 -4.70 17.26 11.76
C SER A 247 -3.74 18.10 10.92
N LEU A 248 -2.88 17.45 10.15
CA LEU A 248 -1.90 18.17 9.35
C LEU A 248 -2.60 18.93 8.24
N SER A 249 -3.51 18.27 7.54
CA SER A 249 -4.10 18.92 6.35
C SER A 249 -5.15 19.95 6.68
N PHE A 250 -5.60 20.00 7.92
CA PHE A 250 -6.48 21.08 8.38
C PHE A 250 -5.77 22.41 8.36
N GLN A 251 -4.44 22.41 8.50
N GLN A 251 -4.45 22.41 8.52
CA GLN A 251 -3.72 23.68 8.44
CA GLN A 251 -3.70 23.66 8.41
C GLN A 251 -3.51 24.06 6.97
C GLN A 251 -3.55 24.02 6.94
N PRO A 252 -4.03 25.19 6.52
CA PRO A 252 -3.99 25.49 5.08
C PRO A 252 -2.58 25.52 4.51
N GLU A 253 -1.62 26.01 5.28
CA GLU A 253 -0.26 26.07 4.76
C GLU A 253 0.30 24.69 4.50
N ASN A 254 -0.17 23.67 5.24
CA ASN A 254 0.22 22.30 4.92
C ASN A 254 -0.51 21.79 3.68
N SER A 255 -1.84 22.00 3.63
CA SER A 255 -2.60 21.53 2.48
C SER A 255 -2.02 22.08 1.18
N MET A 256 -1.47 23.30 1.24
CA MET A 256 -0.89 23.95 0.05
C MET A 256 0.22 23.12 -0.54
N LYS A 257 0.92 22.35 0.28
CA LYS A 257 2.05 21.57 -0.15
C LYS A 257 1.66 20.18 -0.63
N LEU A 258 0.40 19.79 -0.48
CA LEU A 258 -0.06 18.50 -0.93
C LEU A 258 -0.29 18.54 -2.44
N THR A 259 -0.68 17.39 -3.00
CA THR A 259 -1.02 17.36 -4.41
C THR A 259 -2.53 17.25 -4.56
N PRO A 260 -3.08 17.59 -5.74
CA PRO A 260 -4.53 17.43 -5.90
C PRO A 260 -5.00 15.98 -5.71
N LEU A 261 -4.20 15.01 -6.14
CA LEU A 261 -4.62 13.60 -6.02
C LEU A 261 -4.58 13.14 -4.55
N VAL A 262 -3.59 13.60 -3.80
CA VAL A 262 -3.56 13.24 -2.36
C VAL A 262 -4.78 13.83 -1.66
N LEU A 263 -5.11 15.09 -1.97
CA LEU A 263 -6.29 15.71 -1.37
C LEU A 263 -7.57 14.97 -1.74
N GLU A 264 -7.67 14.48 -2.98
CA GLU A 264 -8.88 13.76 -3.35
C GLU A 264 -8.96 12.43 -2.63
N VAL A 265 -7.86 11.70 -2.59
CA VAL A 265 -7.91 10.32 -2.08
C VAL A 265 -7.84 10.30 -0.56
N PHE A 266 -6.87 11.01 0.03
CA PHE A 266 -6.73 10.96 1.50
C PHE A 266 -7.75 11.87 2.20
N GLY A 267 -8.15 12.95 1.56
CA GLY A 267 -9.20 13.78 2.13
C GLY A 267 -8.84 15.25 2.01
N ASN A 268 -9.88 16.07 1.95
CA ASN A 268 -9.70 17.50 1.92
C ASN A 268 -10.53 18.13 3.02
N LYS B 1 -17.28 15.70 -2.89
CA LYS B 1 -17.35 14.26 -2.68
C LYS B 1 -17.30 13.52 -4.01
N ASN B 2 -16.97 14.26 -5.07
CA ASN B 2 -16.68 13.67 -6.37
C ASN B 2 -15.19 13.40 -6.48
N HIS B 3 -14.83 12.36 -7.24
CA HIS B 3 -13.45 11.91 -7.36
C HIS B 3 -13.06 11.85 -8.82
N PRO B 4 -12.98 13.01 -9.48
CA PRO B 4 -12.68 13.01 -10.92
C PRO B 4 -11.30 12.46 -11.23
N MET B 5 -10.30 12.65 -10.37
CA MET B 5 -8.96 12.18 -10.72
C MET B 5 -8.87 10.68 -10.53
N LEU B 6 -9.36 10.18 -9.39
CA LEU B 6 -9.45 8.74 -9.19
C LEU B 6 -10.30 8.10 -10.29
N MET B 7 -11.48 8.67 -10.53
CA MET B 7 -12.36 8.14 -11.57
C MET B 7 -11.67 8.10 -12.92
N ASN B 8 -10.90 9.14 -13.26
CA ASN B 8 -10.21 9.16 -14.54
C ASN B 8 -9.09 8.11 -14.59
N LEU B 9 -8.38 7.89 -13.49
CA LEU B 9 -7.31 6.89 -13.48
C LEU B 9 -7.87 5.46 -13.52
N LEU B 10 -9.15 5.27 -13.19
CA LEU B 10 -9.78 3.96 -13.25
C LEU B 10 -10.31 3.62 -14.63
N LYS B 11 -10.06 4.50 -15.59
CA LYS B 11 -10.54 4.39 -16.96
C LYS B 11 -12.04 4.52 -16.95
C10 A1L8A C . 5.80 4.56 4.59
C13 A1L8A C . 2.92 8.16 3.71
C15 A1L8A C . 4.57 9.72 4.25
C20 A1L8A C . 0.64 12.45 3.19
C21 A1L8A C . 1.44 13.05 2.07
C22 A1L8A C . 1.76 13.87 4.97
C26 A1L8A C . 7.87 3.44 -3.87
C28 A1L8A C . 1.46 7.88 3.45
C01 A1L8A C . 6.37 5.38 -0.38
C02 A1L8A C . 7.64 4.93 -0.63
C03 A1L8A C . 8.50 4.84 0.38
C04 A1L8A C . 8.15 5.18 1.65
C05 A1L8A C . 6.90 5.63 1.94
C06 A1L8A C . 6.02 5.72 0.90
C09 A1L8A C . 5.15 7.45 3.83
C11 A1L8A C . 7.99 6.75 4.57
C12 A1L8A C . 3.85 7.17 3.62
C14 A1L8A C . 3.27 9.43 4.02
C16 A1L8A C . 5.51 8.73 4.17
C18 A1L8A C . 2.61 11.65 4.44
C19 A1L8A C . 1.36 12.46 4.53
C23 A1L8A C . 0.60 14.82 5.12
C25 A1L8A C . 7.42 4.59 -3.01
C27 A1L8A C . 9.89 4.33 0.07
C29 A1L8A C . 8.34 6.34 5.81
C30 A1L8A C . 9.44 6.85 6.42
C31 A1L8A C . 10.22 7.78 5.80
C32 A1L8A C . 9.86 8.21 4.56
C33 A1L8A C . 8.76 7.69 3.96
C34 A1L8A C . 6.98 2.44 -7.49
C35 A1L8A C . 7.79 2.51 -6.19
C36 A1L8A C . 7.20 3.52 -5.23
O07 A1L8A C . 8.15 4.53 -1.86
O17 A1L8A C . 2.28 10.37 4.08
O24 A1L8A C . 0.48 11.93 5.43
O37 A1L8A C . 5.78 2.30 -7.42
O38 A1L8A C . 7.52 2.48 -8.61
O39 A1L8A C . 7.48 2.31 -3.20
SI08 A1L8A C . 6.46 6.08 3.72
#